data_1XLV
#
_entry.id   1XLV
#
_cell.length_a   154.587
_cell.length_b   154.587
_cell.length_c   126.706
_cell.angle_alpha   90.00
_cell.angle_beta   90.00
_cell.angle_gamma   90.00
#
_symmetry.space_group_name_H-M   'I 4 2 2'
#
loop_
_entity.id
_entity.type
_entity.pdbx_description
1 polymer BUTYRYLCHOLINESTERASE
2 branched 2-acetamido-2-deoxy-beta-D-glucopyranose-(1-4)-[beta-L-fucopyranose-(1-6)]2-acetamido-2-deoxy-beta-D-glucopyranose
3 branched 2-acetamido-2-deoxy-beta-D-glucopyranose-(1-4)-2-acetamido-2-deoxy-beta-D-glucopyranose
4 non-polymer 2-acetamido-2-deoxy-beta-D-glucopyranose
5 non-polymer 'SULFATE ION'
6 non-polymer 'CHLORIDE ION'
7 non-polymer 'ETHYL DIHYDROGEN PHOSPHATE'
8 non-polymer GLYCEROL
9 water water
#
_entity_poly.entity_id   1
_entity_poly.type   'polypeptide(L)'
_entity_poly.pdbx_seq_one_letter_code
;EDDIIIATKNGKVRGMQLTVFGGTVTAFLGIPYAQPPLGRLRFKKPQSLTKWSDIWNATKYANSC(CSS)QNIDQSFPGF
HGSEMWNPNTDLSEDCLYLNVWIPAPKPKNATVLIWIYGGGFQTGTSSLHVYDGKFLARVERVIVVSMNYRVGALGFLAL
PGNPEAPGNMGLFDQQLALQWVQKNIAAFGGNPKSVTLFGESAGAASVSLHLLSPGSHSLFTRAILQSGSFNAPWAVTSL
YEARNRTLNLAKLTGCSRENETEIIKCLRNKDPQEILLNEAFVVPYGTPLSVNFGPTVDGDFLTDMPDILLELGQFKKTQ
ILVGVNKDEGTAFLVYGAPGFSKDNNSIITRKEFQEGLKIFFPGVSEFGKESILFHYTDWVDDQRPENYREALGDVVGDY
NFICPALEFTKKFSEWGNNAFFYYFEHRSSKLPWPEWMGVMHGYEIEFVFGLPLERRDQYTKAEEILSRSIVKRWANFAK
YGNPQETQNQSTSWPVFKSTEQKYLTLNTESTRIMTKLRAQQCRFWTSFFPKV
;
_entity_poly.pdbx_strand_id   A
#
loop_
_chem_comp.id
_chem_comp.type
_chem_comp.name
_chem_comp.formula
CL non-polymer 'CHLORIDE ION' 'Cl -1'
EFS non-polymer 'ETHYL DIHYDROGEN PHOSPHATE' 'C2 H7 O4 P'
FUL L-saccharide, beta linking beta-L-fucopyranose 'C6 H12 O5'
GOL non-polymer GLYCEROL 'C3 H8 O3'
NAG D-saccharide, beta linking 2-acetamido-2-deoxy-beta-D-glucopyranose 'C8 H15 N O6'
SO4 non-polymer 'SULFATE ION' 'O4 S -2'
#
# COMPACT_ATOMS: atom_id res chain seq x y z
N ILE A 4 -25.50 15.41 -12.66
CA ILE A 4 -24.23 16.23 -12.62
C ILE A 4 -23.22 15.76 -13.68
N ILE A 5 -22.95 16.60 -14.68
CA ILE A 5 -22.11 16.22 -15.79
C ILE A 5 -20.89 17.12 -15.91
N ILE A 6 -19.72 16.53 -15.67
CA ILE A 6 -18.45 17.26 -15.75
C ILE A 6 -17.82 17.00 -17.12
N ALA A 7 -17.33 18.06 -17.75
CA ALA A 7 -16.56 17.92 -18.97
C ALA A 7 -15.08 17.69 -18.65
N THR A 8 -14.51 16.58 -19.13
CA THR A 8 -13.08 16.29 -18.97
C THR A 8 -12.37 16.46 -20.31
N LYS A 9 -11.04 16.33 -20.33
CA LYS A 9 -10.26 16.44 -21.59
C LYS A 9 -10.74 15.46 -22.65
N ASN A 10 -11.17 14.27 -22.20
CA ASN A 10 -11.60 13.15 -23.06
C ASN A 10 -13.07 12.97 -23.32
N GLY A 11 -13.92 13.52 -22.47
CA GLY A 11 -15.34 13.41 -22.67
C GLY A 11 -16.06 13.85 -21.42
N LYS A 12 -17.38 13.88 -21.48
CA LYS A 12 -18.22 14.20 -20.34
C LYS A 12 -18.41 12.95 -19.47
N VAL A 13 -18.51 13.15 -18.16
CA VAL A 13 -18.75 12.07 -17.24
C VAL A 13 -19.85 12.46 -16.26
N ARG A 14 -20.76 11.53 -16.01
CA ARG A 14 -21.86 11.70 -15.08
C ARG A 14 -21.59 10.95 -13.77
N GLY A 15 -21.83 11.64 -12.67
CA GLY A 15 -21.69 11.08 -11.36
C GLY A 15 -23.04 10.77 -10.76
N MET A 16 -23.05 10.67 -9.44
CA MET A 16 -24.21 10.28 -8.69
C MET A 16 -24.16 10.98 -7.35
N GLN A 17 -25.31 11.33 -6.79
CA GLN A 17 -25.35 12.06 -5.53
C GLN A 17 -25.40 11.11 -4.37
N LEU A 18 -24.66 11.42 -3.31
CA LEU A 18 -24.66 10.56 -2.14
C LEU A 18 -24.97 11.33 -0.89
N THR A 19 -25.77 10.72 -0.05
CA THR A 19 -26.14 11.31 1.22
C THR A 19 -25.23 10.78 2.29
N VAL A 20 -24.45 11.70 2.83
CA VAL A 20 -23.47 11.37 3.86
C VAL A 20 -23.63 12.43 4.92
N PHE A 21 -23.96 12.01 6.13
CA PHE A 21 -23.97 12.89 7.30
C PHE A 21 -24.79 14.17 7.08
N GLY A 22 -26.03 14.00 6.64
CA GLY A 22 -26.95 15.13 6.45
C GLY A 22 -26.45 16.12 5.42
N GLY A 23 -25.58 15.64 4.53
CA GLY A 23 -24.97 16.49 3.51
C GLY A 23 -24.95 15.69 2.23
N THR A 24 -24.33 16.20 1.18
CA THR A 24 -24.22 15.49 -0.06
C THR A 24 -22.76 15.39 -0.47
N VAL A 25 -22.34 14.20 -0.89
CA VAL A 25 -21.13 14.06 -1.71
C VAL A 25 -21.50 13.63 -3.12
N THR A 26 -20.77 14.13 -4.13
CA THR A 26 -20.85 13.62 -5.50
C THR A 26 -19.70 12.62 -5.85
N ALA A 27 -20.07 11.42 -6.33
CA ALA A 27 -19.11 10.35 -6.63
C ALA A 27 -19.11 10.07 -8.11
N PHE A 28 -17.91 9.96 -8.65
CA PHE A 28 -17.73 9.56 -10.03
C PHE A 28 -16.93 8.28 -9.94
N LEU A 29 -17.65 7.16 -10.03
CA LEU A 29 -17.10 5.84 -9.83
C LEU A 29 -16.84 5.18 -11.16
N GLY A 30 -15.60 4.73 -11.37
CA GLY A 30 -15.17 4.08 -12.61
C GLY A 30 -14.99 4.94 -13.85
N ILE A 31 -14.27 6.06 -13.72
CA ILE A 31 -13.82 6.82 -14.89
C ILE A 31 -12.59 6.13 -15.53
N PRO A 32 -12.59 5.90 -16.84
CA PRO A 32 -11.43 5.29 -17.48
C PRO A 32 -10.25 6.29 -17.58
N TYR A 33 -9.02 5.78 -17.58
CA TYR A 33 -7.85 6.66 -17.64
C TYR A 33 -6.79 6.17 -18.62
N ALA A 34 -7.03 5.02 -19.25
CA ALA A 34 -6.11 4.48 -20.26
C ALA A 34 -6.84 3.51 -21.19
N GLN A 35 -6.25 3.25 -22.36
N GLN A 35 -6.23 3.25 -22.35
CA GLN A 35 -6.71 2.14 -23.20
CA GLN A 35 -6.65 2.14 -23.19
C GLN A 35 -6.67 0.88 -22.34
C GLN A 35 -6.66 0.88 -22.35
N PRO A 36 -7.74 0.08 -22.40
CA PRO A 36 -7.75 -1.20 -21.67
C PRO A 36 -6.51 -1.99 -22.14
N PRO A 37 -5.71 -2.51 -21.24
CA PRO A 37 -4.45 -3.13 -21.65
C PRO A 37 -4.62 -4.59 -22.06
N LEU A 38 -5.35 -4.78 -23.16
CA LEU A 38 -5.75 -6.11 -23.66
C LEU A 38 -5.07 -6.48 -24.98
N GLY A 39 -4.98 -7.78 -25.24
CA GLY A 39 -4.37 -8.28 -26.46
C GLY A 39 -2.87 -8.07 -26.59
N ARG A 40 -2.48 -7.15 -27.46
CA ARG A 40 -1.08 -6.80 -27.64
C ARG A 40 -0.55 -5.77 -26.61
N LEU A 41 -1.48 -5.08 -25.92
CA LEU A 41 -1.18 -4.20 -24.79
C LEU A 41 -0.95 -4.93 -23.48
N ARG A 42 -1.31 -6.22 -23.39
CA ARG A 42 -0.99 -6.99 -22.20
C ARG A 42 0.51 -6.91 -21.99
N PHE A 43 0.94 -6.58 -20.76
CA PHE A 43 2.37 -6.44 -20.37
C PHE A 43 3.03 -5.11 -20.75
N LYS A 44 2.32 -4.28 -21.48
CA LYS A 44 2.89 -3.01 -21.85
C LYS A 44 2.46 -1.89 -20.90
N LYS A 45 3.20 -0.79 -20.98
CA LYS A 45 2.91 0.41 -20.25
C LYS A 45 1.55 0.90 -20.74
N PRO A 46 0.80 1.60 -19.87
CA PRO A 46 -0.56 2.02 -20.21
C PRO A 46 -0.56 3.06 -21.36
N GLN A 47 -1.50 2.96 -22.28
CA GLN A 47 -1.51 3.81 -23.45
C GLN A 47 -2.65 4.76 -23.30
N SER A 48 -2.56 5.92 -23.93
CA SER A 48 -3.49 7.03 -23.60
C SER A 48 -4.85 6.82 -24.25
N LEU A 49 -5.88 7.35 -23.62
CA LEU A 49 -7.26 7.07 -24.05
C LEU A 49 -7.79 8.01 -25.12
N THR A 50 -8.43 7.43 -26.14
CA THR A 50 -9.11 8.18 -27.19
C THR A 50 -10.36 8.89 -26.64
N LYS A 51 -10.58 10.13 -27.10
CA LYS A 51 -11.75 10.93 -26.71
C LYS A 51 -13.06 10.20 -26.99
N TRP A 52 -14.12 10.54 -26.26
CA TRP A 52 -15.45 9.96 -26.50
C TRP A 52 -16.57 11.00 -26.55
N SER A 53 -17.55 10.73 -27.40
CA SER A 53 -18.86 11.41 -27.39
C SER A 53 -19.72 10.79 -26.30
N ASP A 54 -20.97 11.24 -26.23
CA ASP A 54 -21.93 10.78 -25.24
C ASP A 54 -21.38 11.04 -23.82
N ILE A 55 -22.20 10.79 -22.81
CA ILE A 55 -21.81 10.95 -21.43
C ILE A 55 -21.41 9.58 -20.88
N TRP A 56 -20.11 9.42 -20.57
CA TRP A 56 -19.64 8.26 -19.81
C TRP A 56 -20.29 8.23 -18.41
N ASN A 57 -20.98 7.15 -18.12
CA ASN A 57 -21.70 7.01 -16.86
C ASN A 57 -20.73 6.49 -15.80
N ALA A 58 -20.32 7.35 -14.86
CA ALA A 58 -19.43 6.94 -13.76
C ALA A 58 -20.24 6.72 -12.48
N THR A 59 -21.08 5.69 -12.51
CA THR A 59 -22.11 5.50 -11.47
C THR A 59 -21.98 4.20 -10.70
N LYS A 60 -20.90 3.48 -11.00
CA LYS A 60 -20.56 2.28 -10.24
C LYS A 60 -19.09 1.95 -10.41
N TYR A 61 -18.52 1.31 -9.39
CA TYR A 61 -17.13 0.86 -9.44
C TYR A 61 -16.89 -0.05 -10.65
N ALA A 62 -15.74 0.10 -11.28
CA ALA A 62 -15.44 -0.69 -12.47
C ALA A 62 -14.85 -2.03 -12.09
N ASN A 63 -14.45 -2.84 -13.07
CA ASN A 63 -13.68 -4.05 -12.82
C ASN A 63 -12.38 -3.82 -12.02
N SER A 64 -12.10 -4.77 -11.12
CA SER A 64 -10.82 -4.89 -10.46
C SER A 64 -9.90 -5.68 -11.42
N CYS A 65 -8.60 -5.41 -11.41
CA CYS A 65 -7.64 -6.15 -12.20
C CYS A 65 -7.51 -7.63 -11.78
N CSS A 66 -7.12 -8.47 -12.74
CA CSS A 66 -7.01 -9.90 -12.51
CB CSS A 66 -6.49 -10.60 -13.77
SG CSS A 66 -7.50 -10.30 -15.22
SD CSS A 66 -8.98 -11.64 -14.64
C CSS A 66 -6.06 -10.13 -11.37
O CSS A 66 -5.00 -9.48 -11.26
N GLN A 67 -6.39 -11.07 -10.50
CA GLN A 67 -5.57 -11.33 -9.33
C GLN A 67 -6.04 -12.63 -8.64
N ASN A 68 -5.11 -13.33 -8.03
CA ASN A 68 -5.46 -14.41 -7.13
C ASN A 68 -6.17 -13.88 -5.90
N ILE A 69 -7.08 -14.68 -5.36
CA ILE A 69 -7.89 -14.30 -4.20
C ILE A 69 -7.39 -15.04 -2.96
N ASP A 70 -7.48 -14.40 -1.78
CA ASP A 70 -7.27 -15.07 -0.47
C ASP A 70 -8.47 -16.05 -0.14
N GLN A 71 -8.25 -17.35 -0.33
CA GLN A 71 -9.24 -18.42 -0.04
C GLN A 71 -8.92 -19.20 1.27
N SER A 72 -8.02 -18.63 2.08
CA SER A 72 -7.58 -19.29 3.33
C SER A 72 -8.67 -19.40 4.39
N PHE A 73 -9.57 -18.42 4.45
CA PHE A 73 -10.66 -18.48 5.42
C PHE A 73 -12.03 -18.18 4.78
N PRO A 74 -12.57 -19.08 3.94
CA PRO A 74 -13.87 -18.81 3.32
C PRO A 74 -14.93 -18.46 4.37
N GLY A 75 -15.75 -17.48 4.06
CA GLY A 75 -16.82 -17.06 4.94
C GLY A 75 -16.40 -16.16 6.07
N PHE A 76 -15.11 -15.91 6.17
CA PHE A 76 -14.56 -15.04 7.24
C PHE A 76 -14.35 -13.59 6.79
N HIS A 77 -15.00 -12.66 7.48
CA HIS A 77 -14.89 -11.26 7.17
C HIS A 77 -13.46 -10.67 7.32
N GLY A 78 -12.68 -11.16 8.28
CA GLY A 78 -11.33 -10.64 8.53
C GLY A 78 -10.45 -10.76 7.30
N SER A 79 -10.62 -11.83 6.54
CA SER A 79 -9.86 -11.98 5.35
C SER A 79 -10.60 -11.56 4.08
N GLU A 80 -11.88 -11.89 4.03
CA GLU A 80 -12.68 -11.59 2.85
C GLU A 80 -12.90 -10.11 2.62
N MET A 81 -12.93 -9.29 3.65
CA MET A 81 -13.00 -7.83 3.46
C MET A 81 -11.90 -7.25 2.57
N TRP A 82 -10.81 -7.98 2.37
CA TRP A 82 -9.67 -7.57 1.49
C TRP A 82 -9.74 -8.06 0.04
N ASN A 83 -10.58 -9.08 -0.18
CA ASN A 83 -10.82 -9.63 -1.52
C ASN A 83 -11.61 -8.66 -2.44
N PRO A 84 -11.41 -8.73 -3.75
CA PRO A 84 -12.12 -7.85 -4.71
C PRO A 84 -13.62 -7.94 -4.61
N ASN A 85 -14.31 -6.82 -4.77
CA ASN A 85 -15.77 -6.76 -4.67
C ASN A 85 -16.41 -6.31 -5.98
N THR A 86 -15.69 -6.54 -7.05
CA THR A 86 -16.04 -6.11 -8.37
C THR A 86 -15.46 -7.20 -9.27
N ASP A 87 -16.12 -7.50 -10.41
N ASP A 87 -16.14 -7.56 -10.37
CA ASP A 87 -15.60 -8.46 -11.40
CA ASP A 87 -15.59 -8.59 -11.26
C ASP A 87 -14.14 -8.22 -11.66
C ASP A 87 -14.19 -8.26 -11.68
N LEU A 88 -13.37 -9.30 -11.83
CA LEU A 88 -12.01 -9.17 -12.23
C LEU A 88 -11.99 -9.10 -13.77
N SER A 89 -11.05 -8.36 -14.30
CA SER A 89 -10.97 -8.23 -15.72
C SER A 89 -9.63 -7.60 -16.03
N GLU A 90 -9.07 -7.95 -17.17
CA GLU A 90 -7.88 -7.23 -17.62
C GLU A 90 -8.22 -5.80 -17.96
N ASP A 91 -9.52 -5.54 -18.11
CA ASP A 91 -10.04 -4.23 -18.45
C ASP A 91 -10.41 -3.64 -17.10
N CYS A 92 -9.42 -2.97 -16.52
CA CYS A 92 -9.50 -2.58 -15.12
C CYS A 92 -8.85 -1.20 -14.84
N LEU A 93 -8.39 -0.51 -15.88
CA LEU A 93 -7.77 0.83 -15.73
C LEU A 93 -8.77 1.97 -15.56
N TYR A 94 -9.32 2.04 -14.36
CA TYR A 94 -10.36 3.00 -13.97
C TYR A 94 -9.96 3.65 -12.64
N LEU A 95 -10.62 4.77 -12.37
CA LEU A 95 -10.41 5.56 -11.19
C LEU A 95 -11.73 6.15 -10.70
N ASN A 96 -11.76 6.51 -9.42
CA ASN A 96 -12.89 7.12 -8.77
C ASN A 96 -12.54 8.50 -8.20
N VAL A 97 -13.55 9.36 -8.17
CA VAL A 97 -13.41 10.74 -7.68
C VAL A 97 -14.62 11.04 -6.78
N TRP A 98 -14.37 11.44 -5.53
CA TRP A 98 -15.43 11.94 -4.67
C TRP A 98 -15.14 13.40 -4.47
N ILE A 99 -16.17 14.21 -4.71
CA ILE A 99 -16.04 15.63 -4.58
C ILE A 99 -17.08 16.13 -3.57
N PRO A 100 -16.72 17.14 -2.78
CA PRO A 100 -17.69 17.73 -1.82
C PRO A 100 -18.85 18.35 -2.61
N ALA A 101 -20.02 18.44 -1.96
CA ALA A 101 -21.17 19.17 -2.48
C ALA A 101 -21.64 20.12 -1.39
N PRO A 102 -21.78 21.41 -1.68
CA PRO A 102 -21.49 22.00 -2.99
C PRO A 102 -20.06 21.91 -3.44
N LYS A 103 -19.99 21.78 -4.76
CA LYS A 103 -18.81 21.74 -5.55
C LYS A 103 -17.80 22.77 -5.07
N PRO A 104 -16.57 22.33 -4.83
CA PRO A 104 -15.54 23.17 -4.30
C PRO A 104 -14.95 24.07 -5.37
N LYS A 105 -14.20 25.10 -4.95
CA LYS A 105 -13.53 26.02 -5.87
C LYS A 105 -12.09 25.62 -6.21
N ASN A 106 -11.32 25.21 -5.21
CA ASN A 106 -9.93 24.82 -5.43
C ASN A 106 -9.53 23.86 -4.31
N ALA A 107 -10.27 22.75 -4.20
CA ALA A 107 -10.03 21.77 -3.12
C ALA A 107 -8.67 21.06 -3.20
N THR A 108 -8.06 20.82 -2.06
CA THR A 108 -6.91 19.92 -1.97
C THR A 108 -7.35 18.48 -2.41
N VAL A 109 -6.48 17.82 -3.17
CA VAL A 109 -6.75 16.47 -3.63
C VAL A 109 -5.96 15.39 -2.89
N LEU A 110 -6.68 14.37 -2.42
CA LEU A 110 -6.09 13.19 -1.77
C LEU A 110 -6.15 11.97 -2.67
N ILE A 111 -5.00 11.44 -3.12
CA ILE A 111 -5.01 10.30 -4.04
C ILE A 111 -4.57 9.01 -3.39
N TRP A 112 -5.51 8.05 -3.26
CA TRP A 112 -5.25 6.78 -2.60
C TRP A 112 -4.66 5.69 -3.49
N ILE A 113 -3.62 5.03 -2.99
CA ILE A 113 -3.04 3.87 -3.66
C ILE A 113 -3.11 2.68 -2.76
N TYR A 114 -3.92 1.69 -3.13
CA TYR A 114 -4.10 0.50 -2.28
C TYR A 114 -2.87 -0.43 -2.20
N GLY A 115 -2.79 -1.15 -1.11
CA GLY A 115 -1.85 -2.24 -1.00
C GLY A 115 -2.48 -3.58 -1.39
N GLY A 116 -1.73 -4.63 -1.11
CA GLY A 116 -2.00 -5.95 -1.59
C GLY A 116 -0.75 -6.67 -2.06
N GLY A 117 0.41 -6.20 -1.62
CA GLY A 117 1.65 -6.92 -1.97
C GLY A 117 2.05 -6.74 -3.39
N PHE A 118 1.45 -5.78 -4.09
CA PHE A 118 1.65 -5.67 -5.52
C PHE A 118 1.04 -6.88 -6.26
N GLN A 119 0.38 -7.77 -5.52
CA GLN A 119 -0.20 -8.98 -6.16
C GLN A 119 -1.72 -8.91 -6.19
N THR A 120 -2.29 -8.21 -5.22
CA THR A 120 -3.73 -8.08 -5.07
C THR A 120 -4.17 -6.63 -4.82
N GLY A 121 -5.47 -6.43 -4.72
CA GLY A 121 -6.01 -5.17 -4.33
C GLY A 121 -7.02 -4.58 -5.30
N THR A 122 -7.86 -3.72 -4.77
CA THR A 122 -8.70 -2.92 -5.63
C THR A 122 -9.12 -1.63 -4.88
N SER A 123 -9.43 -0.57 -5.64
CA SER A 123 -9.82 0.68 -5.02
C SER A 123 -11.28 0.68 -4.56
N SER A 124 -12.02 -0.39 -4.85
CA SER A 124 -13.45 -0.39 -4.61
C SER A 124 -13.81 -1.02 -3.26
N LEU A 125 -12.84 -1.39 -2.47
CA LEU A 125 -13.14 -1.85 -1.12
C LEU A 125 -13.84 -0.81 -0.26
N HIS A 126 -14.67 -1.32 0.65
CA HIS A 126 -15.49 -0.56 1.57
C HIS A 126 -14.60 0.33 2.45
N VAL A 127 -13.42 -0.19 2.81
CA VAL A 127 -12.52 0.50 3.70
C VAL A 127 -11.76 1.61 2.99
N TYR A 128 -11.86 1.67 1.67
CA TYR A 128 -11.29 2.76 0.85
C TYR A 128 -12.31 3.77 0.31
N ASP A 129 -13.50 3.80 0.85
CA ASP A 129 -14.58 4.64 0.32
C ASP A 129 -14.33 6.08 0.74
N GLY A 130 -14.08 6.98 -0.23
CA GLY A 130 -13.67 8.33 0.03
C GLY A 130 -14.74 9.39 0.36
N LYS A 131 -15.99 8.97 0.62
CA LYS A 131 -17.10 9.92 0.77
C LYS A 131 -17.14 10.60 2.11
N PHE A 132 -16.71 9.91 3.17
CA PHE A 132 -16.62 10.52 4.47
C PHE A 132 -15.58 11.65 4.39
N LEU A 133 -14.40 11.42 3.83
CA LEU A 133 -13.36 12.45 3.73
C LEU A 133 -13.84 13.67 2.93
N ALA A 134 -14.49 13.40 1.79
CA ALA A 134 -14.99 14.46 0.93
C ALA A 134 -16.06 15.27 1.71
N ARG A 135 -16.99 14.56 2.36
CA ARG A 135 -18.00 15.18 3.20
C ARG A 135 -17.44 16.07 4.35
N VAL A 136 -16.58 15.47 5.17
CA VAL A 136 -16.16 15.98 6.47
C VAL A 136 -15.03 17.03 6.35
N GLU A 137 -14.06 16.78 5.46
CA GLU A 137 -12.92 17.68 5.28
C GLU A 137 -12.93 18.57 4.04
N ARG A 138 -13.91 18.34 3.17
N ARG A 138 -13.90 18.32 3.16
CA ARG A 138 -14.02 19.08 1.93
CA ARG A 138 -14.07 19.06 1.90
C ARG A 138 -12.68 19.01 1.19
C ARG A 138 -12.88 18.89 0.96
N VAL A 139 -12.16 17.79 1.11
CA VAL A 139 -11.11 17.45 0.14
C VAL A 139 -11.78 16.67 -1.00
N ILE A 140 -11.10 16.61 -2.15
CA ILE A 140 -11.44 15.65 -3.18
C ILE A 140 -10.59 14.38 -2.95
N VAL A 141 -11.23 13.21 -2.95
CA VAL A 141 -10.52 11.96 -2.86
C VAL A 141 -10.55 11.27 -4.23
N VAL A 142 -9.37 10.88 -4.71
CA VAL A 142 -9.24 10.09 -5.94
C VAL A 142 -8.60 8.73 -5.59
N SER A 143 -9.08 7.66 -6.26
CA SER A 143 -8.46 6.33 -6.22
C SER A 143 -8.42 5.66 -7.59
N MET A 144 -7.42 4.80 -7.82
CA MET A 144 -7.27 4.13 -9.11
C MET A 144 -7.03 2.61 -8.95
N ASN A 145 -7.49 1.86 -9.94
CA ASN A 145 -7.02 0.50 -10.12
C ASN A 145 -5.78 0.52 -10.99
N TYR A 146 -4.82 -0.29 -10.60
CA TYR A 146 -3.61 -0.43 -11.34
C TYR A 146 -3.31 -1.96 -11.39
N ARG A 147 -2.65 -2.43 -12.43
CA ARG A 147 -2.37 -3.84 -12.60
C ARG A 147 -1.42 -4.36 -11.56
N VAL A 148 -1.64 -5.63 -11.19
CA VAL A 148 -0.99 -6.25 -10.09
C VAL A 148 -0.52 -7.64 -10.58
N GLY A 149 0.39 -8.25 -9.86
CA GLY A 149 0.96 -9.52 -10.26
C GLY A 149 1.79 -9.45 -11.52
N ALA A 150 1.82 -10.56 -12.25
CA ALA A 150 2.68 -10.66 -13.41
C ALA A 150 2.16 -9.71 -14.44
N LEU A 151 0.85 -9.52 -14.49
CA LEU A 151 0.25 -8.60 -15.46
C LEU A 151 0.63 -7.14 -15.26
N GLY A 152 1.04 -6.80 -14.02
CA GLY A 152 1.48 -5.46 -13.72
C GLY A 152 2.97 -5.31 -13.58
N PHE A 153 3.69 -6.39 -13.35
CA PHE A 153 5.08 -6.28 -12.97
C PHE A 153 6.05 -7.30 -13.53
N LEU A 154 5.58 -8.11 -14.47
CA LEU A 154 6.47 -9.02 -15.19
C LEU A 154 7.61 -8.19 -15.79
N ALA A 155 8.83 -8.65 -15.64
CA ALA A 155 9.94 -7.87 -16.18
C ALA A 155 10.93 -8.67 -17.05
N LEU A 156 11.30 -8.05 -18.15
CA LEU A 156 12.42 -8.49 -18.96
C LEU A 156 13.03 -7.13 -19.28
N PRO A 157 14.05 -6.75 -18.50
CA PRO A 157 14.49 -5.34 -18.47
C PRO A 157 14.97 -4.85 -19.84
N GLY A 158 14.55 -3.63 -20.21
CA GLY A 158 14.90 -3.03 -21.49
C GLY A 158 13.93 -3.26 -22.65
N ASN A 159 13.11 -4.32 -22.54
CA ASN A 159 12.24 -4.82 -23.59
C ASN A 159 10.85 -4.27 -23.38
N PRO A 160 10.40 -3.34 -24.26
CA PRO A 160 9.15 -2.60 -24.04
C PRO A 160 7.90 -3.50 -24.12
N GLU A 161 8.12 -4.75 -24.49
CA GLU A 161 7.09 -5.81 -24.53
C GLU A 161 6.66 -6.17 -23.13
N ALA A 162 7.63 -6.14 -22.20
CA ALA A 162 7.40 -6.45 -20.78
C ALA A 162 8.49 -5.76 -19.96
N PRO A 163 8.42 -4.44 -19.86
CA PRO A 163 9.51 -3.68 -19.27
C PRO A 163 9.64 -3.78 -17.75
N GLY A 164 8.56 -4.17 -17.05
CA GLY A 164 8.53 -4.09 -15.59
C GLY A 164 7.76 -2.85 -15.17
N ASN A 165 7.23 -2.83 -13.94
CA ASN A 165 6.69 -1.55 -13.38
C ASN A 165 5.45 -0.99 -14.04
N MET A 166 4.81 -1.78 -14.89
CA MET A 166 3.64 -1.37 -15.59
C MET A 166 2.54 -0.84 -14.67
N GLY A 167 2.35 -1.51 -13.52
CA GLY A 167 1.36 -1.09 -12.50
C GLY A 167 1.74 0.21 -11.75
N LEU A 168 3.02 0.46 -11.65
CA LEU A 168 3.50 1.81 -11.23
C LEU A 168 3.29 2.86 -12.34
N PHE A 169 3.54 2.51 -13.62
CA PHE A 169 3.08 3.39 -14.68
C PHE A 169 1.55 3.62 -14.76
N ASP A 170 0.74 2.63 -14.31
CA ASP A 170 -0.71 2.84 -14.27
C ASP A 170 -1.03 3.94 -13.24
N GLN A 171 -0.46 3.79 -12.03
CA GLN A 171 -0.62 4.77 -11.00
C GLN A 171 -0.21 6.11 -11.60
N GLN A 172 0.95 6.17 -12.23
CA GLN A 172 1.46 7.45 -12.71
C GLN A 172 0.54 8.12 -13.72
N LEU A 173 0.04 7.34 -14.66
CA LEU A 173 -0.88 7.87 -15.64
C LEU A 173 -2.18 8.32 -14.97
N ALA A 174 -2.58 7.69 -13.86
CA ALA A 174 -3.71 8.26 -13.16
C ALA A 174 -3.38 9.61 -12.47
N LEU A 175 -2.18 9.75 -11.89
CA LEU A 175 -1.71 11.08 -11.38
C LEU A 175 -1.75 12.18 -12.48
N GLN A 176 -1.37 11.85 -13.70
N GLN A 176 -1.36 11.80 -13.69
CA GLN A 176 -1.51 12.77 -14.83
CA GLN A 176 -1.46 12.58 -14.94
C GLN A 176 -2.96 13.16 -15.10
C GLN A 176 -2.88 13.07 -15.23
N TRP A 177 -3.85 12.17 -15.11
CA TRP A 177 -5.26 12.44 -15.34
C TRP A 177 -5.73 13.51 -14.33
N VAL A 178 -5.36 13.36 -13.06
CA VAL A 178 -5.70 14.35 -12.01
C VAL A 178 -5.06 15.71 -12.37
N GLN A 179 -3.75 15.73 -12.66
CA GLN A 179 -3.08 16.94 -13.21
C GLN A 179 -3.95 17.63 -14.32
N LYS A 180 -4.25 16.91 -15.40
CA LYS A 180 -5.01 17.51 -16.53
C LYS A 180 -6.50 17.75 -16.30
N ASN A 181 -7.13 17.03 -15.35
CA ASN A 181 -8.60 17.01 -15.26
C ASN A 181 -9.22 17.45 -13.96
N ILE A 182 -8.49 17.43 -12.87
CA ILE A 182 -9.15 17.70 -11.58
C ILE A 182 -9.68 19.13 -11.41
N ALA A 183 -9.08 20.13 -12.04
CA ALA A 183 -9.66 21.51 -11.92
C ALA A 183 -11.14 21.57 -12.28
N ALA A 184 -11.52 20.86 -13.35
CA ALA A 184 -12.93 20.69 -13.77
C ALA A 184 -13.92 20.16 -12.70
N PHE A 185 -13.41 19.38 -11.76
CA PHE A 185 -14.20 18.86 -10.63
C PHE A 185 -14.14 19.80 -9.44
N GLY A 186 -13.41 20.90 -9.60
CA GLY A 186 -13.20 21.84 -8.51
C GLY A 186 -11.98 21.53 -7.64
N GLY A 187 -10.98 20.85 -8.21
CA GLY A 187 -9.82 20.44 -7.42
C GLY A 187 -8.64 21.30 -7.76
N ASN A 188 -7.69 21.41 -6.83
CA ASN A 188 -6.42 22.06 -7.14
C ASN A 188 -5.31 21.09 -7.55
N PRO A 189 -4.92 21.05 -8.82
CA PRO A 189 -3.81 20.18 -9.21
C PRO A 189 -2.49 20.48 -8.47
N LYS A 190 -2.36 21.68 -7.88
CA LYS A 190 -1.13 22.12 -7.20
C LYS A 190 -1.13 21.72 -5.73
N SER A 191 -2.23 21.13 -5.27
CA SER A 191 -2.32 20.62 -3.91
C SER A 191 -2.86 19.17 -3.96
N VAL A 192 -1.98 18.26 -4.35
CA VAL A 192 -2.29 16.83 -4.46
C VAL A 192 -1.46 16.02 -3.47
N THR A 193 -2.09 15.29 -2.57
CA THR A 193 -1.34 14.42 -1.66
C THR A 193 -1.61 12.96 -2.00
N LEU A 194 -0.54 12.18 -2.19
CA LEU A 194 -0.69 10.73 -2.36
C LEU A 194 -0.69 10.12 -0.99
N PHE A 195 -1.60 9.17 -0.78
CA PHE A 195 -1.56 8.29 0.37
C PHE A 195 -1.84 6.85 -0.02
N GLY A 196 -1.32 5.88 0.76
CA GLY A 196 -1.45 4.47 0.45
C GLY A 196 -0.96 3.66 1.63
N GLU A 197 -1.32 2.37 1.68
CA GLU A 197 -0.93 1.50 2.77
C GLU A 197 -0.16 0.30 2.24
N SER A 198 0.84 -0.16 3.01
CA SER A 198 1.69 -1.33 2.62
C SER A 198 2.23 -1.18 1.17
N ALA A 199 1.93 -2.12 0.28
CA ALA A 199 2.39 -1.93 -1.12
C ALA A 199 1.96 -0.62 -1.77
N GLY A 200 0.80 -0.10 -1.33
CA GLY A 200 0.34 1.23 -1.78
C GLY A 200 1.28 2.32 -1.22
N ALA A 201 1.76 2.14 0.02
CA ALA A 201 2.70 3.05 0.71
C ALA A 201 4.09 2.95 0.08
N ALA A 202 4.61 1.71 -0.08
CA ALA A 202 5.79 1.52 -0.93
C ALA A 202 5.69 2.21 -2.32
N SER A 203 4.54 2.11 -2.98
CA SER A 203 4.34 2.78 -4.24
C SER A 203 4.52 4.27 -4.03
N VAL A 204 3.92 4.82 -2.97
CA VAL A 204 3.98 6.26 -2.75
C VAL A 204 5.48 6.61 -2.62
N SER A 205 6.24 5.85 -1.83
CA SER A 205 7.68 6.16 -1.70
C SER A 205 8.48 6.11 -3.03
N LEU A 206 8.11 5.24 -3.95
CA LEU A 206 8.72 5.15 -5.30
C LEU A 206 8.35 6.32 -6.22
N HIS A 207 7.17 6.90 -6.00
CA HIS A 207 6.80 8.12 -6.72
C HIS A 207 7.64 9.32 -6.25
N LEU A 208 8.09 9.30 -5.00
CA LEU A 208 9.02 10.29 -4.45
C LEU A 208 10.38 10.20 -5.12
N LEU A 209 10.71 9.02 -5.63
CA LEU A 209 11.95 8.78 -6.34
C LEU A 209 11.86 8.88 -7.86
N SER A 210 10.68 8.73 -8.44
CA SER A 210 10.61 8.71 -9.87
C SER A 210 10.58 10.12 -10.36
N PRO A 211 11.51 10.47 -11.25
CA PRO A 211 11.55 11.84 -11.75
C PRO A 211 10.26 12.13 -12.55
N GLY A 212 9.68 11.12 -13.18
CA GLY A 212 8.47 11.29 -13.98
C GLY A 212 7.24 11.55 -13.11
N SER A 213 7.32 11.26 -11.83
CA SER A 213 6.22 11.60 -10.92
C SER A 213 6.37 12.91 -10.15
N HIS A 214 7.56 13.52 -10.24
N HIS A 214 7.53 13.53 -10.23
CA HIS A 214 7.92 14.74 -9.46
CA HIS A 214 7.77 14.68 -9.34
C HIS A 214 6.81 15.80 -9.49
C HIS A 214 6.80 15.84 -9.47
N SER A 215 6.31 16.11 -10.68
CA SER A 215 5.41 17.25 -10.89
C SER A 215 3.98 16.86 -10.97
N LEU A 216 3.67 15.59 -10.60
CA LEU A 216 2.29 15.10 -10.57
C LEU A 216 1.67 15.10 -9.17
N PHE A 217 2.45 15.50 -8.16
CA PHE A 217 1.93 15.60 -6.78
C PHE A 217 2.70 16.55 -5.87
N THR A 218 2.16 16.88 -4.69
CA THR A 218 2.78 17.83 -3.75
C THR A 218 3.48 17.16 -2.54
N ARG A 219 2.72 16.31 -1.84
CA ARG A 219 3.10 15.73 -0.56
C ARG A 219 2.79 14.23 -0.53
N ALA A 220 3.29 13.50 0.48
CA ALA A 220 3.09 12.04 0.55
C ALA A 220 2.81 11.57 1.95
N ILE A 221 1.91 10.59 2.03
CA ILE A 221 1.61 9.85 3.29
C ILE A 221 1.90 8.35 3.07
N LEU A 222 2.70 7.77 3.96
CA LEU A 222 3.06 6.37 3.85
C LEU A 222 2.61 5.56 5.08
N GLN A 223 1.50 4.83 4.90
CA GLN A 223 0.99 3.93 5.93
C GLN A 223 1.54 2.48 5.87
N SER A 224 2.34 2.08 6.86
CA SER A 224 2.83 0.68 6.95
C SER A 224 3.51 0.20 5.69
N GLY A 225 4.39 1.01 5.09
CA GLY A 225 5.07 0.56 3.84
C GLY A 225 6.05 1.64 3.36
N SER A 226 7.13 1.21 2.70
CA SER A 226 8.16 2.09 2.09
C SER A 226 8.98 1.18 1.18
N PHE A 227 9.61 1.79 0.17
N PHE A 227 9.58 1.73 0.12
CA PHE A 227 10.32 1.04 -0.88
CA PHE A 227 10.27 0.87 -0.85
C PHE A 227 11.59 0.30 -0.43
C PHE A 227 11.36 0.00 -0.23
N ASN A 228 12.01 0.51 0.82
CA ASN A 228 13.19 -0.19 1.44
C ASN A 228 12.81 -1.38 2.31
N ALA A 229 11.53 -1.61 2.52
CA ALA A 229 11.07 -2.91 3.11
C ALA A 229 11.57 -4.11 2.30
N PRO A 230 11.87 -5.23 2.92
CA PRO A 230 12.48 -6.36 2.16
C PRO A 230 11.63 -6.95 1.01
N TRP A 231 10.32 -6.75 1.06
CA TRP A 231 9.41 -7.33 0.05
C TRP A 231 9.11 -6.41 -1.10
N ALA A 232 9.65 -5.19 -1.09
CA ALA A 232 9.11 -4.15 -1.92
C ALA A 232 9.71 -4.03 -3.31
N VAL A 233 10.95 -4.44 -3.47
CA VAL A 233 11.60 -4.29 -4.78
C VAL A 233 12.15 -5.64 -5.27
N THR A 234 11.76 -6.05 -6.48
CA THR A 234 12.24 -7.33 -7.04
C THR A 234 13.61 -7.09 -7.70
N SER A 235 14.63 -7.84 -7.26
CA SER A 235 15.94 -7.76 -7.91
C SER A 235 15.84 -8.18 -9.40
N LEU A 236 16.67 -7.57 -10.23
CA LEU A 236 16.75 -7.90 -11.65
C LEU A 236 17.08 -9.40 -11.90
N TYR A 237 17.88 -10.00 -11.00
CA TYR A 237 18.16 -11.44 -10.99
C TYR A 237 16.91 -12.29 -10.66
N GLU A 238 16.22 -11.99 -9.56
CA GLU A 238 14.98 -12.68 -9.24
C GLU A 238 13.91 -12.50 -10.33
N ALA A 239 13.75 -11.27 -10.82
CA ALA A 239 12.77 -10.98 -11.87
C ALA A 239 12.99 -11.88 -13.08
N ARG A 240 14.22 -11.95 -13.58
CA ARG A 240 14.59 -12.82 -14.73
C ARG A 240 14.18 -14.26 -14.49
N ASN A 241 14.60 -14.81 -13.36
CA ASN A 241 14.30 -16.19 -13.01
C ASN A 241 12.81 -16.45 -12.98
N ARG A 242 12.05 -15.42 -12.61
CA ARG A 242 10.63 -15.56 -12.39
C ARG A 242 9.88 -15.42 -13.70
N THR A 243 10.21 -14.41 -14.49
CA THR A 243 9.72 -14.32 -15.86
C THR A 243 9.93 -15.66 -16.63
N LEU A 244 11.12 -16.29 -16.50
CA LEU A 244 11.38 -17.59 -17.16
C LEU A 244 10.70 -18.78 -16.52
N ASN A 245 10.70 -18.85 -15.19
CA ASN A 245 9.86 -19.87 -14.53
C ASN A 245 8.40 -19.79 -14.99
N LEU A 246 7.81 -18.59 -15.02
CA LEU A 246 6.45 -18.46 -15.54
C LEU A 246 6.34 -18.95 -16.99
N ALA A 247 7.34 -18.64 -17.82
CA ALA A 247 7.44 -19.15 -19.20
C ALA A 247 7.45 -20.69 -19.25
N LYS A 248 8.37 -21.32 -18.51
CA LYS A 248 8.40 -22.77 -18.38
C LYS A 248 6.96 -23.25 -18.20
N LEU A 249 6.32 -22.77 -17.12
CA LEU A 249 5.09 -23.31 -16.60
C LEU A 249 3.88 -23.16 -17.51
N THR A 250 3.98 -22.29 -18.51
CA THR A 250 2.85 -22.09 -19.43
C THR A 250 3.18 -22.59 -20.86
N GLY A 251 4.28 -23.32 -20.97
CA GLY A 251 4.76 -23.80 -22.26
C GLY A 251 5.27 -22.69 -23.15
N CYS A 252 5.75 -21.61 -22.52
CA CYS A 252 6.09 -20.40 -23.24
C CYS A 252 7.58 -20.19 -23.35
N SER A 253 8.35 -21.19 -22.90
CA SER A 253 9.82 -21.12 -23.03
C SER A 253 10.24 -20.96 -24.49
N ARG A 254 11.10 -19.98 -24.74
CA ARG A 254 11.56 -19.63 -26.08
C ARG A 254 13.06 -19.33 -26.01
N GLU A 255 13.52 -18.34 -26.76
CA GLU A 255 14.91 -17.90 -26.73
C GLU A 255 14.98 -16.46 -27.26
N ASN A 256 14.16 -16.15 -28.27
CA ASN A 256 13.87 -14.76 -28.61
C ASN A 256 12.93 -14.32 -27.47
N GLU A 257 13.48 -13.54 -26.53
CA GLU A 257 12.70 -13.08 -25.39
C GLU A 257 11.37 -12.41 -25.81
N THR A 258 11.32 -11.87 -27.01
CA THR A 258 10.11 -11.22 -27.53
C THR A 258 9.08 -12.27 -28.00
N GLU A 259 9.56 -13.47 -28.33
CA GLU A 259 8.70 -14.64 -28.53
C GLU A 259 8.14 -15.23 -27.22
N ILE A 260 8.82 -15.04 -26.08
CA ILE A 260 8.20 -15.50 -24.83
C ILE A 260 6.98 -14.64 -24.50
N ILE A 261 7.19 -13.33 -24.45
CA ILE A 261 6.10 -12.40 -24.19
C ILE A 261 4.95 -12.65 -25.15
N LYS A 262 5.23 -12.72 -26.44
CA LYS A 262 4.18 -12.96 -27.43
C LYS A 262 3.42 -14.26 -27.07
N CYS A 263 4.17 -15.30 -26.68
CA CYS A 263 3.52 -16.53 -26.20
C CYS A 263 2.61 -16.26 -24.99
N LEU A 264 3.15 -15.54 -23.99
CA LEU A 264 2.39 -15.22 -22.78
C LEU A 264 1.16 -14.35 -23.05
N ARG A 265 1.19 -13.53 -24.08
CA ARG A 265 0.03 -12.76 -24.46
C ARG A 265 -1.11 -13.63 -25.03
N ASN A 266 -0.86 -14.93 -25.19
CA ASN A 266 -1.90 -15.84 -25.69
C ASN A 266 -2.54 -16.70 -24.66
N LYS A 267 -1.93 -16.77 -23.49
CA LYS A 267 -2.51 -17.45 -22.35
C LYS A 267 -3.74 -16.71 -21.86
N ASP A 268 -4.76 -17.45 -21.39
CA ASP A 268 -5.87 -16.84 -20.69
C ASP A 268 -5.28 -16.18 -19.43
N PRO A 269 -5.77 -15.00 -19.07
CA PRO A 269 -5.32 -14.34 -17.87
C PRO A 269 -5.33 -15.31 -16.69
N GLN A 270 -6.25 -16.27 -16.69
CA GLN A 270 -6.43 -17.19 -15.58
C GLN A 270 -5.33 -18.24 -15.53
N GLU A 271 -4.74 -18.59 -16.67
CA GLU A 271 -3.61 -19.52 -16.65
C GLU A 271 -2.33 -18.84 -16.15
N ILE A 272 -2.19 -17.55 -16.48
CA ILE A 272 -1.15 -16.76 -15.84
C ILE A 272 -1.29 -16.68 -14.31
N LEU A 273 -2.49 -16.39 -13.79
CA LEU A 273 -2.69 -16.25 -12.33
C LEU A 273 -2.32 -17.51 -11.58
N LEU A 274 -2.89 -18.61 -12.08
CA LEU A 274 -2.59 -19.98 -11.68
C LEU A 274 -1.10 -20.24 -11.46
N ASN A 275 -0.28 -19.85 -12.41
CA ASN A 275 1.14 -20.18 -12.36
C ASN A 275 2.08 -19.17 -11.68
N GLU A 276 1.58 -17.96 -11.37
CA GLU A 276 2.30 -16.95 -10.59
C GLU A 276 2.89 -17.47 -9.28
N ALA A 277 2.13 -18.31 -8.56
CA ALA A 277 2.52 -18.74 -7.20
C ALA A 277 3.78 -19.60 -7.16
N PHE A 278 4.03 -20.29 -8.28
CA PHE A 278 5.06 -21.31 -8.33
C PHE A 278 6.38 -20.83 -8.94
N VAL A 279 6.46 -19.56 -9.28
CA VAL A 279 7.68 -19.03 -9.93
C VAL A 279 8.91 -18.96 -9.01
N VAL A 280 8.67 -19.10 -7.71
CA VAL A 280 9.68 -19.17 -6.64
C VAL A 280 9.58 -20.56 -5.99
N PRO A 281 10.72 -21.22 -5.75
CA PRO A 281 10.70 -22.57 -5.15
C PRO A 281 10.11 -22.56 -3.74
N TYR A 282 10.47 -21.55 -2.95
N TYR A 282 10.41 -21.50 -2.99
CA TYR A 282 9.87 -21.39 -1.63
CA TYR A 282 9.94 -21.37 -1.60
C TYR A 282 9.38 -19.97 -1.36
C TYR A 282 9.40 -19.96 -1.32
N GLY A 283 8.08 -19.83 -1.20
CA GLY A 283 7.48 -18.54 -0.90
C GLY A 283 7.18 -18.32 0.58
N THR A 284 6.94 -17.07 0.96
CA THR A 284 6.45 -16.85 2.31
C THR A 284 5.04 -16.24 2.21
N PRO A 285 4.32 -16.12 3.33
CA PRO A 285 3.06 -15.38 3.40
C PRO A 285 3.25 -13.91 3.01
N LEU A 286 4.51 -13.50 2.88
CA LEU A 286 4.88 -12.15 2.51
C LEU A 286 5.47 -12.10 1.12
N SER A 287 5.21 -13.11 0.30
CA SER A 287 5.80 -13.17 -1.05
C SER A 287 5.26 -12.10 -1.99
N VAL A 288 6.17 -11.45 -2.68
CA VAL A 288 5.78 -10.54 -3.72
C VAL A 288 6.48 -11.16 -4.92
N ASN A 289 5.80 -12.05 -5.62
CA ASN A 289 6.39 -12.79 -6.73
C ASN A 289 6.77 -11.81 -7.83
N PHE A 290 5.87 -10.89 -8.14
CA PHE A 290 6.05 -9.93 -9.24
C PHE A 290 5.82 -8.55 -8.69
N GLY A 291 6.91 -7.83 -8.46
CA GLY A 291 6.85 -6.45 -7.94
C GLY A 291 7.69 -5.42 -8.69
N PRO A 292 7.85 -4.23 -8.13
CA PRO A 292 8.69 -3.20 -8.77
C PRO A 292 10.09 -3.65 -9.07
N THR A 293 10.63 -3.21 -10.19
CA THR A 293 12.06 -3.50 -10.51
C THR A 293 12.81 -2.20 -10.84
N VAL A 294 14.13 -2.26 -10.86
CA VAL A 294 14.89 -1.18 -11.46
C VAL A 294 14.80 -1.42 -12.96
N ASP A 295 14.01 -0.60 -13.62
CA ASP A 295 13.71 -0.80 -15.03
C ASP A 295 14.47 0.20 -16.00
N GLY A 296 15.25 1.15 -15.44
CA GLY A 296 15.84 2.22 -16.23
C GLY A 296 14.83 3.20 -16.78
N ASP A 297 13.59 3.12 -16.31
CA ASP A 297 12.54 4.03 -16.80
C ASP A 297 11.86 4.71 -15.60
N PHE A 298 11.05 3.95 -14.85
CA PHE A 298 10.34 4.49 -13.68
C PHE A 298 11.38 4.67 -12.62
N LEU A 299 12.27 3.69 -12.52
CA LEU A 299 13.22 3.59 -11.46
C LEU A 299 14.63 3.46 -12.08
N THR A 300 15.39 4.56 -12.06
CA THR A 300 16.70 4.59 -12.74
C THR A 300 17.86 3.91 -12.05
N ASP A 301 17.72 3.52 -10.78
CA ASP A 301 18.86 2.95 -10.06
C ASP A 301 18.28 2.28 -8.83
N MET A 302 19.07 1.47 -8.14
CA MET A 302 18.60 0.87 -6.91
C MET A 302 18.09 1.92 -5.95
N PRO A 303 16.83 1.81 -5.57
CA PRO A 303 16.19 2.89 -4.82
C PRO A 303 16.94 3.23 -3.49
N ASP A 304 17.56 2.23 -2.87
CA ASP A 304 18.39 2.42 -1.69
C ASP A 304 19.52 3.43 -1.93
N ILE A 305 20.07 3.40 -3.14
CA ILE A 305 21.18 4.28 -3.50
C ILE A 305 20.59 5.68 -3.63
N LEU A 306 19.46 5.82 -4.35
CA LEU A 306 18.71 7.08 -4.44
C LEU A 306 18.35 7.79 -3.07
N LEU A 307 17.85 6.98 -2.11
CA LEU A 307 17.46 7.46 -0.78
C LEU A 307 18.72 7.98 -0.08
N GLU A 308 19.72 7.11 -0.04
CA GLU A 308 20.99 7.40 0.58
C GLU A 308 21.57 8.74 0.11
N LEU A 309 21.40 9.08 -1.16
CA LEU A 309 22.16 10.16 -1.75
C LEU A 309 21.30 11.31 -2.05
N GLY A 310 20.05 11.24 -1.57
CA GLY A 310 19.12 12.39 -1.52
C GLY A 310 18.52 12.70 -2.87
N GLN A 311 18.39 11.68 -3.74
CA GLN A 311 17.81 11.90 -5.06
C GLN A 311 16.35 11.51 -5.06
N PHE A 312 15.50 12.45 -4.65
CA PHE A 312 14.07 12.24 -4.52
C PHE A 312 13.43 13.60 -4.33
N LYS A 313 12.11 13.58 -4.44
CA LYS A 313 11.33 14.78 -4.40
C LYS A 313 11.42 15.39 -3.01
N LYS A 314 11.76 16.68 -2.95
CA LYS A 314 11.96 17.37 -1.68
C LYS A 314 10.64 17.95 -1.20
N THR A 315 10.04 17.33 -0.19
CA THR A 315 8.68 17.71 0.27
C THR A 315 8.44 17.14 1.64
N GLN A 316 7.30 17.44 2.26
CA GLN A 316 6.94 16.82 3.57
C GLN A 316 6.36 15.40 3.40
N ILE A 317 6.67 14.53 4.36
CA ILE A 317 6.15 13.18 4.44
C ILE A 317 5.52 12.91 5.82
N LEU A 318 4.46 12.10 5.84
CA LEU A 318 3.88 11.59 7.05
C LEU A 318 3.97 10.06 6.91
N VAL A 319 4.55 9.41 7.90
CA VAL A 319 4.86 7.99 7.79
C VAL A 319 4.44 7.40 9.11
N GLY A 320 3.95 6.17 9.09
CA GLY A 320 3.60 5.55 10.35
C GLY A 320 3.38 4.06 10.21
N VAL A 321 3.23 3.39 11.36
CA VAL A 321 3.07 1.93 11.40
C VAL A 321 2.12 1.62 12.53
N ASN A 322 1.60 0.40 12.50
CA ASN A 322 0.76 -0.14 13.53
C ASN A 322 1.57 -0.99 14.44
N LYS A 323 1.06 -1.14 15.67
CA LYS A 323 1.72 -1.86 16.78
C LYS A 323 1.98 -3.34 16.50
N ASP A 324 1.03 -4.01 15.85
CA ASP A 324 1.17 -5.44 15.58
C ASP A 324 1.14 -5.77 14.08
N GLU A 325 1.96 -5.06 13.32
CA GLU A 325 2.16 -5.31 11.88
C GLU A 325 2.30 -6.81 11.47
N GLY A 326 3.14 -7.54 12.20
CA GLY A 326 3.45 -8.89 11.77
C GLY A 326 2.42 -9.98 12.03
N THR A 327 1.48 -9.80 12.97
CA THR A 327 0.59 -10.91 13.42
C THR A 327 -0.29 -11.58 12.32
N ALA A 328 -0.87 -10.75 11.47
CA ALA A 328 -1.69 -11.10 10.33
C ALA A 328 -1.07 -12.22 9.53
N PHE A 329 0.25 -12.16 9.34
CA PHE A 329 0.90 -13.09 8.41
C PHE A 329 1.13 -14.45 9.00
N LEU A 330 1.10 -14.53 10.33
CA LEU A 330 1.40 -15.78 11.06
C LEU A 330 0.42 -16.95 10.80
N VAL A 331 -0.85 -16.63 10.51
CA VAL A 331 -1.86 -17.68 10.33
C VAL A 331 -1.95 -18.15 8.84
N TYR A 332 -1.02 -17.65 8.02
CA TYR A 332 -0.85 -18.05 6.65
C TYR A 332 0.39 -18.95 6.46
N GLY A 333 0.78 -19.68 7.51
CA GLY A 333 1.80 -20.69 7.32
C GLY A 333 2.67 -21.05 8.50
N ALA A 334 2.70 -20.23 9.56
CA ALA A 334 3.54 -20.55 10.73
C ALA A 334 2.95 -21.69 11.56
N PRO A 335 3.75 -22.73 11.81
CA PRO A 335 3.26 -23.91 12.54
C PRO A 335 2.75 -23.53 13.94
N GLY A 336 1.60 -24.04 14.35
CA GLY A 336 1.03 -23.81 15.68
C GLY A 336 0.14 -22.58 15.80
N PHE A 337 0.04 -21.81 14.72
CA PHE A 337 -0.77 -20.58 14.76
C PHE A 337 -2.20 -20.82 14.27
N SER A 338 -3.17 -20.16 14.88
CA SER A 338 -4.52 -20.24 14.34
C SER A 338 -5.27 -19.02 14.77
N LYS A 339 -6.13 -18.47 13.91
CA LYS A 339 -6.98 -17.36 14.37
C LYS A 339 -8.01 -17.89 15.38
N ASP A 340 -8.23 -19.21 15.35
CA ASP A 340 -9.29 -19.85 16.11
C ASP A 340 -8.87 -20.35 17.47
N ASN A 341 -7.62 -20.07 17.83
CA ASN A 341 -7.07 -20.35 19.18
C ASN A 341 -5.91 -19.39 19.50
N ASN A 342 -5.47 -19.41 20.76
CA ASN A 342 -4.53 -18.43 21.27
C ASN A 342 -3.05 -18.59 20.81
N SER A 343 -2.77 -19.68 20.11
CA SER A 343 -1.54 -19.84 19.35
C SER A 343 -0.28 -19.82 20.23
N ILE A 344 -0.43 -20.26 21.48
CA ILE A 344 0.73 -20.48 22.36
C ILE A 344 1.65 -21.45 21.65
N ILE A 345 2.85 -21.02 21.27
CA ILE A 345 3.73 -21.91 20.50
C ILE A 345 5.00 -22.18 21.30
N THR A 346 5.72 -23.23 20.89
CA THR A 346 6.97 -23.64 21.56
C THR A 346 8.20 -23.08 20.84
N ARG A 347 9.36 -23.18 21.51
CA ARG A 347 10.62 -22.77 20.93
C ARG A 347 10.81 -23.41 19.55
N LYS A 348 10.50 -24.70 19.46
CA LYS A 348 10.72 -25.43 18.23
C LYS A 348 9.77 -24.97 17.10
N GLU A 349 8.54 -24.61 17.49
CA GLU A 349 7.56 -23.92 16.60
C GLU A 349 8.08 -22.56 16.10
N PHE A 350 8.51 -21.73 17.05
CA PHE A 350 9.18 -20.46 16.74
C PHE A 350 10.27 -20.72 15.69
N GLN A 351 11.17 -21.66 16.00
CA GLN A 351 12.28 -21.96 15.08
C GLN A 351 11.81 -22.38 13.66
N GLU A 352 10.79 -23.23 13.62
CA GLU A 352 10.17 -23.64 12.36
C GLU A 352 9.53 -22.45 11.62
N GLY A 353 8.89 -21.57 12.37
CA GLY A 353 8.34 -20.31 11.82
C GLY A 353 9.32 -19.42 11.11
N LEU A 354 10.54 -19.31 11.64
CA LEU A 354 11.61 -18.58 10.97
C LEU A 354 11.93 -19.16 9.62
N LYS A 355 11.92 -20.49 9.58
CA LYS A 355 12.15 -21.20 8.36
C LYS A 355 11.07 -20.81 7.34
N ILE A 356 9.81 -20.67 7.78
CA ILE A 356 8.72 -20.18 6.93
C ILE A 356 9.02 -18.76 6.43
N PHE A 357 9.25 -17.83 7.34
CA PHE A 357 9.46 -16.46 6.95
C PHE A 357 10.85 -16.08 6.42
N PHE A 358 11.85 -16.91 6.66
CA PHE A 358 13.21 -16.67 6.17
C PHE A 358 13.78 -17.93 5.44
N PRO A 359 13.13 -18.33 4.35
CA PRO A 359 13.40 -19.61 3.71
C PRO A 359 14.84 -19.81 3.20
N GLY A 360 15.44 -18.79 2.62
CA GLY A 360 16.79 -18.93 2.05
C GLY A 360 17.87 -18.27 2.92
N VAL A 361 17.57 -18.14 4.21
CA VAL A 361 18.51 -17.55 5.15
C VAL A 361 19.36 -18.66 5.78
N SER A 362 20.68 -18.42 5.79
CA SER A 362 21.64 -19.28 6.47
C SER A 362 21.17 -19.62 7.86
N GLU A 363 21.65 -20.73 8.42
N GLU A 363 21.66 -20.77 8.33
CA GLU A 363 21.23 -21.14 9.76
CA GLU A 363 21.42 -21.26 9.68
C GLU A 363 21.76 -20.22 10.88
C GLU A 363 21.74 -20.21 10.76
N PHE A 364 22.92 -19.60 10.65
CA PHE A 364 23.41 -18.55 11.54
C PHE A 364 22.48 -17.29 11.49
N GLY A 365 22.02 -16.92 10.31
CA GLY A 365 21.06 -15.83 10.17
C GLY A 365 19.87 -16.05 11.07
N LYS A 366 19.31 -17.26 11.01
CA LYS A 366 18.13 -17.55 11.79
C LYS A 366 18.41 -17.65 13.26
N GLU A 367 19.55 -18.21 13.64
N GLU A 367 19.56 -18.23 13.62
CA GLU A 367 19.89 -18.26 15.07
CA GLU A 367 20.00 -18.28 15.04
C GLU A 367 20.05 -16.85 15.64
C GLU A 367 20.06 -16.87 15.63
N SER A 368 20.55 -15.93 14.82
CA SER A 368 20.77 -14.56 15.25
C SER A 368 19.46 -13.81 15.51
N ILE A 369 18.45 -14.07 14.68
CA ILE A 369 17.09 -13.60 14.98
C ILE A 369 16.63 -14.19 16.32
N LEU A 370 16.66 -15.50 16.45
CA LEU A 370 16.27 -16.11 17.66
C LEU A 370 17.01 -15.50 18.84
N PHE A 371 18.32 -15.35 18.72
CA PHE A 371 19.10 -14.75 19.79
C PHE A 371 18.62 -13.35 20.20
N HIS A 372 18.37 -12.50 19.21
N HIS A 372 18.34 -12.51 19.22
CA HIS A 372 17.90 -11.13 19.48
CA HIS A 372 17.95 -11.15 19.54
C HIS A 372 16.53 -11.14 20.16
C HIS A 372 16.49 -11.01 20.02
N TYR A 373 15.62 -11.94 19.59
CA TYR A 373 14.20 -11.92 20.03
C TYR A 373 13.79 -12.82 21.20
N THR A 374 14.73 -13.60 21.75
CA THR A 374 14.34 -14.53 22.83
C THR A 374 15.06 -14.32 24.16
N ASP A 375 15.60 -13.12 24.38
CA ASP A 375 16.19 -12.81 25.68
C ASP A 375 15.07 -12.37 26.61
N TRP A 376 14.38 -13.37 27.17
CA TRP A 376 13.13 -13.20 27.90
C TRP A 376 13.29 -12.31 29.11
N VAL A 377 12.25 -11.49 29.32
CA VAL A 377 12.23 -10.36 30.24
C VAL A 377 10.97 -10.49 31.09
N GLN A 380 9.53 -18.69 30.72
CA GLN A 380 8.75 -17.62 31.34
C GLN A 380 7.21 -17.72 31.07
N ARG A 381 6.62 -16.56 30.73
CA ARG A 381 5.29 -16.37 30.10
C ARG A 381 5.07 -17.26 28.88
N PRO A 382 3.90 -17.88 28.78
CA PRO A 382 3.61 -18.82 27.66
C PRO A 382 3.48 -18.21 26.26
N GLU A 383 3.06 -16.94 26.17
CA GLU A 383 2.94 -16.24 24.88
C GLU A 383 4.26 -15.63 24.34
N ASN A 384 5.34 -15.83 25.09
CA ASN A 384 6.69 -15.36 24.72
C ASN A 384 7.04 -15.65 23.25
N TYR A 385 7.02 -16.92 22.88
CA TYR A 385 7.35 -17.28 21.49
C TYR A 385 6.35 -16.76 20.43
N ARG A 386 5.06 -16.85 20.76
CA ARG A 386 4.00 -16.33 19.90
C ARG A 386 4.20 -14.83 19.62
N GLU A 387 4.43 -14.07 20.68
CA GLU A 387 4.64 -12.65 20.59
C GLU A 387 5.91 -12.30 19.86
N ALA A 388 6.96 -13.10 20.09
CA ALA A 388 8.25 -12.81 19.47
C ALA A 388 8.21 -12.99 17.95
N LEU A 389 7.51 -14.02 17.46
CA LEU A 389 7.42 -14.26 15.99
C LEU A 389 6.70 -13.15 15.22
N GLY A 390 5.59 -12.64 15.74
CA GLY A 390 4.93 -11.47 15.18
C GLY A 390 5.79 -10.23 15.19
N ASP A 391 6.48 -9.96 16.29
CA ASP A 391 7.48 -8.83 16.34
C ASP A 391 8.57 -8.99 15.29
N VAL A 392 9.15 -10.19 15.21
CA VAL A 392 10.14 -10.48 14.19
C VAL A 392 9.59 -10.05 12.84
N VAL A 393 8.37 -10.49 12.52
CA VAL A 393 7.80 -10.30 11.16
C VAL A 393 7.45 -8.83 10.89
N GLY A 394 6.87 -8.18 11.88
CA GLY A 394 6.53 -6.76 11.77
C GLY A 394 7.74 -5.83 11.75
N ASP A 395 8.75 -6.11 12.57
CA ASP A 395 9.93 -5.22 12.65
C ASP A 395 10.74 -5.31 11.36
N TYR A 396 11.04 -6.53 10.95
CA TYR A 396 11.78 -6.80 9.75
C TYR A 396 11.06 -6.28 8.52
N ASN A 397 9.79 -6.61 8.39
CA ASN A 397 9.02 -6.27 7.19
C ASN A 397 8.43 -4.87 7.07
N PHE A 398 8.02 -4.24 8.17
CA PHE A 398 7.35 -2.94 8.07
C PHE A 398 7.96 -1.81 8.91
N ILE A 399 8.18 -2.08 10.19
CA ILE A 399 8.44 -1.02 11.18
C ILE A 399 9.86 -0.47 10.98
N CYS A 400 10.88 -1.34 11.07
CA CYS A 400 12.24 -0.92 10.85
C CYS A 400 12.50 -0.26 9.49
N PRO A 401 11.99 -0.79 8.36
CA PRO A 401 12.12 -0.08 7.09
C PRO A 401 11.43 1.31 7.06
N ALA A 402 10.24 1.42 7.67
CA ALA A 402 9.54 2.71 7.67
C ALA A 402 10.33 3.76 8.48
N LEU A 403 10.85 3.34 9.63
CA LEU A 403 11.68 4.19 10.45
C LEU A 403 12.99 4.58 9.77
N GLU A 404 13.64 3.65 9.08
CA GLU A 404 14.85 3.97 8.31
C GLU A 404 14.55 4.88 7.10
N PHE A 405 13.45 4.62 6.40
CA PHE A 405 13.04 5.50 5.36
C PHE A 405 12.88 6.96 5.88
N THR A 406 12.19 7.13 7.02
CA THR A 406 11.94 8.42 7.62
C THR A 406 13.23 9.11 8.05
N LYS A 407 14.13 8.40 8.70
CA LYS A 407 15.43 8.96 9.05
C LYS A 407 16.11 9.47 7.82
N LYS A 408 16.28 8.60 6.85
CA LYS A 408 17.06 8.99 5.67
C LYS A 408 16.46 10.12 4.86
N PHE A 409 15.14 10.18 4.79
CA PHE A 409 14.47 11.22 4.03
C PHE A 409 14.63 12.54 4.78
N SER A 410 14.51 12.53 6.11
CA SER A 410 14.47 13.82 6.81
C SER A 410 15.87 14.42 6.87
N GLU A 411 16.91 13.61 6.63
CA GLU A 411 18.27 14.11 6.73
C GLU A 411 18.59 15.07 5.61
N TRP A 412 17.72 15.12 4.60
CA TRP A 412 17.84 16.08 3.48
C TRP A 412 17.05 17.34 3.65
N GLY A 413 16.56 17.62 4.85
CA GLY A 413 16.03 18.95 5.11
C GLY A 413 14.55 19.08 5.33
N ASN A 414 13.75 18.11 4.89
CA ASN A 414 12.30 18.33 4.89
C ASN A 414 11.70 17.84 6.17
N ASN A 415 10.60 18.47 6.58
CA ASN A 415 9.77 18.01 7.68
C ASN A 415 9.11 16.64 7.47
N ALA A 416 9.14 15.84 8.54
CA ALA A 416 8.63 14.49 8.49
C ALA A 416 7.97 14.24 9.81
N PHE A 417 6.88 13.49 9.76
CA PHE A 417 6.04 13.22 10.94
C PHE A 417 5.81 11.70 10.97
N PHE A 418 6.07 11.10 12.12
CA PHE A 418 5.98 9.64 12.22
C PHE A 418 4.93 9.32 13.30
N TYR A 419 3.99 8.40 12.98
CA TYR A 419 3.00 7.94 13.97
C TYR A 419 3.19 6.46 14.29
N TYR A 420 2.75 6.09 15.49
CA TYR A 420 2.65 4.69 15.88
C TYR A 420 1.17 4.42 16.25
N PHE A 421 0.47 3.68 15.38
CA PHE A 421 -0.96 3.44 15.57
C PHE A 421 -1.17 2.25 16.48
N GLU A 422 -1.74 2.51 17.66
CA GLU A 422 -1.84 1.46 18.63
C GLU A 422 -3.29 1.21 19.07
N HIS A 423 -4.26 1.47 18.20
CA HIS A 423 -5.65 1.14 18.59
C HIS A 423 -6.20 -0.10 17.85
N ARG A 424 -6.67 -1.09 18.59
CA ARG A 424 -7.44 -2.22 17.98
C ARG A 424 -8.94 -1.90 17.80
N SER A 425 -9.45 -2.02 16.58
CA SER A 425 -10.88 -1.88 16.32
C SER A 425 -11.73 -2.71 17.33
N SER A 426 -12.75 -2.11 17.91
CA SER A 426 -13.74 -2.89 18.70
C SER A 426 -14.41 -3.93 17.80
N LYS A 427 -14.45 -3.65 16.50
CA LYS A 427 -15.07 -4.53 15.52
C LYS A 427 -14.13 -5.58 14.86
N LEU A 428 -12.85 -5.60 15.20
CA LEU A 428 -11.90 -6.53 14.58
C LEU A 428 -12.38 -7.99 14.67
N PRO A 429 -12.52 -8.68 13.53
CA PRO A 429 -12.93 -10.12 13.53
C PRO A 429 -11.81 -11.15 13.80
N TRP A 430 -10.55 -10.75 13.68
CA TRP A 430 -9.41 -11.58 14.13
C TRP A 430 -9.28 -11.66 15.68
N PRO A 431 -8.65 -12.70 16.22
CA PRO A 431 -8.56 -12.82 17.66
C PRO A 431 -7.72 -11.73 18.37
N GLU A 432 -7.80 -11.68 19.70
CA GLU A 432 -7.18 -10.64 20.52
C GLU A 432 -5.69 -10.66 20.47
N TRP A 433 -5.13 -11.84 20.33
CA TRP A 433 -3.69 -12.06 20.36
C TRP A 433 -3.05 -11.43 19.13
N MET A 434 -3.84 -11.25 18.05
CA MET A 434 -3.29 -10.63 16.84
C MET A 434 -3.11 -9.13 16.99
N GLY A 435 -3.74 -8.55 18.00
CA GLY A 435 -3.60 -7.14 18.37
C GLY A 435 -4.06 -6.10 17.37
N VAL A 436 -3.24 -5.05 17.20
CA VAL A 436 -3.46 -3.88 16.34
C VAL A 436 -2.87 -4.25 14.99
N MET A 437 -3.69 -4.86 14.16
CA MET A 437 -3.15 -5.54 13.00
C MET A 437 -2.75 -4.60 11.90
N HIS A 438 -1.89 -5.11 11.04
CA HIS A 438 -1.65 -4.57 9.71
C HIS A 438 -2.99 -4.37 8.98
N GLY A 439 -3.22 -3.15 8.45
CA GLY A 439 -4.37 -2.84 7.59
C GLY A 439 -5.49 -2.20 8.38
N TYR A 440 -5.41 -2.21 9.70
CA TYR A 440 -6.59 -1.88 10.51
C TYR A 440 -6.57 -0.46 11.10
N GLU A 441 -5.62 0.35 10.63
CA GLU A 441 -5.69 1.81 10.75
C GLU A 441 -6.51 2.43 9.60
N ILE A 442 -6.64 1.71 8.49
CA ILE A 442 -7.16 2.28 7.27
C ILE A 442 -8.57 2.83 7.49
N GLU A 443 -9.40 2.04 8.18
CA GLU A 443 -10.81 2.44 8.37
C GLU A 443 -10.94 3.74 9.18
N PHE A 444 -10.03 3.95 10.13
CA PHE A 444 -9.88 5.22 10.82
C PHE A 444 -9.49 6.43 9.95
N VAL A 445 -8.53 6.24 9.06
CA VAL A 445 -8.09 7.27 8.12
C VAL A 445 -9.23 7.70 7.17
N PHE A 446 -10.03 6.70 6.76
CA PHE A 446 -11.11 6.91 5.83
C PHE A 446 -12.40 7.42 6.53
N GLY A 447 -12.42 7.38 7.87
CA GLY A 447 -13.54 7.99 8.64
C GLY A 447 -14.77 7.08 8.73
N LEU A 448 -14.54 5.78 8.72
CA LEU A 448 -15.62 4.86 8.92
C LEU A 448 -16.31 4.98 10.31
N PRO A 449 -15.53 5.07 11.41
CA PRO A 449 -16.11 5.28 12.74
C PRO A 449 -16.89 6.57 12.89
N LEU A 450 -16.86 7.43 11.88
CA LEU A 450 -17.70 8.64 11.88
C LEU A 450 -19.19 8.28 11.63
N GLU A 451 -19.40 7.14 10.97
CA GLU A 451 -20.74 6.64 10.73
C GLU A 451 -21.25 5.95 11.98
N ARG A 452 -22.13 6.69 12.67
CA ARG A 452 -22.79 6.25 13.89
C ARG A 452 -23.59 4.96 13.82
N ARG A 453 -24.23 4.68 12.68
CA ARG A 453 -25.02 3.47 12.56
C ARG A 453 -24.16 2.21 12.68
N ASP A 454 -22.84 2.36 12.57
CA ASP A 454 -21.93 1.25 12.29
C ASP A 454 -21.36 0.40 13.49
N GLN A 455 -21.68 0.76 14.73
CA GLN A 455 -21.26 -0.05 15.92
C GLN A 455 -19.81 0.15 16.46
N TYR A 456 -19.05 1.12 15.94
CA TYR A 456 -17.82 1.57 16.63
C TYR A 456 -18.21 2.32 17.93
N THR A 457 -17.32 2.30 18.91
CA THR A 457 -17.53 3.05 20.15
C THR A 457 -17.36 4.54 19.94
N LYS A 458 -17.69 5.28 20.97
CA LYS A 458 -17.62 6.73 20.92
C LYS A 458 -16.15 7.17 20.87
N ALA A 459 -15.31 6.44 21.59
CA ALA A 459 -13.96 6.81 21.64
C ALA A 459 -13.36 6.69 20.23
N GLU A 460 -13.84 5.70 19.47
CA GLU A 460 -13.39 5.43 18.09
C GLU A 460 -13.79 6.51 17.09
N GLU A 461 -15.05 6.95 17.20
CA GLU A 461 -15.55 8.09 16.45
C GLU A 461 -14.58 9.26 16.60
N ILE A 462 -14.23 9.57 17.86
CA ILE A 462 -13.38 10.71 18.15
C ILE A 462 -11.94 10.50 17.65
N LEU A 463 -11.43 9.28 17.76
CA LEU A 463 -10.08 8.95 17.28
C LEU A 463 -10.02 9.17 15.78
N SER A 464 -11.06 8.72 15.07
CA SER A 464 -11.07 8.83 13.62
C SER A 464 -11.22 10.30 13.15
N ARG A 465 -12.05 11.06 13.84
CA ARG A 465 -12.28 12.47 13.56
C ARG A 465 -10.99 13.26 13.63
N SER A 466 -10.24 13.00 14.68
CA SER A 466 -8.92 13.57 14.88
C SER A 466 -7.92 13.18 13.75
N ILE A 467 -7.81 11.89 13.42
CA ILE A 467 -6.86 11.38 12.40
C ILE A 467 -7.21 12.00 11.04
N VAL A 468 -8.49 12.02 10.75
CA VAL A 468 -9.00 12.65 9.54
C VAL A 468 -8.60 14.12 9.49
N LYS A 469 -8.78 14.81 10.61
CA LYS A 469 -8.38 16.21 10.63
C LYS A 469 -6.85 16.34 10.40
N ARG A 470 -6.10 15.52 11.12
CA ARG A 470 -4.63 15.55 10.99
C ARG A 470 -4.14 15.26 9.55
N TRP A 471 -4.73 14.24 8.90
CA TRP A 471 -4.38 13.84 7.51
C TRP A 471 -4.72 14.94 6.51
N ALA A 472 -5.85 15.61 6.76
CA ALA A 472 -6.34 16.65 5.88
C ALA A 472 -5.55 17.94 6.03
N ASN A 473 -5.22 18.28 7.27
CA ASN A 473 -4.26 19.36 7.50
C ASN A 473 -2.90 19.07 6.99
N PHE A 474 -2.46 17.81 7.06
CA PHE A 474 -1.19 17.48 6.37
C PHE A 474 -1.30 17.75 4.88
N ALA A 475 -2.36 17.27 4.26
CA ALA A 475 -2.53 17.43 2.82
C ALA A 475 -2.63 18.90 2.46
N LYS A 476 -3.53 19.62 3.11
CA LYS A 476 -3.71 21.02 2.75
C LYS A 476 -2.48 21.85 3.15
N TYR A 477 -1.90 21.61 4.33
CA TYR A 477 -0.94 22.59 4.87
C TYR A 477 0.45 22.09 5.23
N GLY A 478 0.66 20.78 5.16
CA GLY A 478 1.98 20.19 5.31
C GLY A 478 2.29 19.97 6.75
N ASN A 479 1.24 19.94 7.59
CA ASN A 479 1.36 19.93 9.03
C ASN A 479 0.19 19.19 9.65
N PRO A 480 0.43 17.97 10.17
CA PRO A 480 -0.63 17.09 10.61
C PRO A 480 -1.14 17.46 12.00
N GLN A 481 -1.50 18.72 12.19
CA GLN A 481 -1.91 19.19 13.53
C GLN A 481 -3.40 19.11 13.56
N GLU A 482 -3.91 18.91 14.76
CA GLU A 482 -5.31 19.18 15.07
C GLU A 482 -5.24 20.41 16.01
N THR A 483 -5.61 21.59 15.52
CA THR A 483 -5.33 22.85 16.24
C THR A 483 -6.42 23.36 17.22
N GLN A 484 -7.63 22.81 17.17
CA GLN A 484 -8.77 23.42 17.84
C GLN A 484 -9.15 22.80 19.18
N ASN A 485 -8.84 21.52 19.36
CA ASN A 485 -9.36 20.83 20.53
C ASN A 485 -8.31 20.51 21.61
N GLN A 486 -7.39 21.46 21.86
CA GLN A 486 -6.27 21.25 22.80
C GLN A 486 -5.70 19.82 22.63
N SER A 487 -5.11 19.59 21.48
CA SER A 487 -4.53 18.31 21.13
C SER A 487 -3.04 18.42 21.20
N THR A 488 -2.41 17.25 21.37
CA THR A 488 -0.97 17.10 21.40
C THR A 488 -0.46 17.57 20.06
N SER A 489 0.56 18.42 20.08
CA SER A 489 1.19 18.88 18.87
C SER A 489 2.07 17.73 18.39
N TRP A 490 2.13 17.56 17.08
CA TRP A 490 2.84 16.47 16.50
C TRP A 490 4.18 17.04 16.09
N PRO A 491 5.28 16.64 16.74
CA PRO A 491 6.59 17.19 16.43
C PRO A 491 7.17 16.63 15.16
N VAL A 492 7.95 17.44 14.47
CA VAL A 492 8.70 16.96 13.35
C VAL A 492 9.63 15.79 13.87
N PHE A 493 9.77 14.77 13.03
CA PHE A 493 10.77 13.69 13.18
C PHE A 493 12.11 14.16 12.60
N LYS A 494 13.18 14.04 13.38
CA LYS A 494 14.53 14.49 13.03
C LYS A 494 15.41 13.32 13.41
N SER A 495 16.47 13.01 12.64
CA SER A 495 17.20 11.75 12.93
C SER A 495 18.03 11.70 14.24
N THR A 496 18.28 12.85 14.85
CA THR A 496 18.82 12.90 16.21
C THR A 496 17.75 12.43 17.23
N GLU A 497 16.69 13.21 17.39
CA GLU A 497 15.70 12.86 18.40
C GLU A 497 14.68 11.79 18.08
N GLN A 498 14.25 11.74 16.83
CA GLN A 498 13.36 10.70 16.35
C GLN A 498 12.04 10.62 17.15
N LYS A 499 11.45 11.79 17.34
CA LYS A 499 10.16 11.93 18.00
C LYS A 499 9.08 11.42 17.07
N TYR A 500 8.13 10.71 17.66
CA TYR A 500 6.96 10.21 16.96
C TYR A 500 5.71 10.36 17.85
N LEU A 501 4.55 10.41 17.22
CA LEU A 501 3.25 10.55 17.91
C LEU A 501 2.48 9.21 17.98
N THR A 502 1.91 8.86 19.14
CA THR A 502 1.10 7.65 19.27
C THR A 502 -0.37 7.99 19.08
N LEU A 503 -1.08 7.09 18.40
CA LEU A 503 -2.44 7.33 18.05
C LEU A 503 -3.22 6.25 18.76
N ASN A 504 -4.09 6.69 19.65
CA ASN A 504 -4.91 5.76 20.45
C ASN A 504 -6.13 6.53 20.98
N THR A 505 -7.10 5.80 21.54
CA THR A 505 -8.31 6.43 22.07
C THR A 505 -8.07 7.18 23.38
N GLU A 506 -7.22 6.64 24.25
CA GLU A 506 -6.92 7.26 25.54
C GLU A 506 -6.18 8.64 25.46
N SER A 507 -4.93 8.61 25.00
CA SER A 507 -3.97 9.71 25.16
C SER A 507 -3.00 9.64 24.03
N THR A 508 -2.79 10.73 23.33
CA THR A 508 -1.68 10.71 22.41
C THR A 508 -0.42 11.07 23.16
N ARG A 509 0.65 10.32 22.89
CA ARG A 509 1.91 10.60 23.50
C ARG A 509 2.96 10.97 22.48
N ILE A 510 3.84 11.90 22.89
CA ILE A 510 5.10 12.07 22.21
C ILE A 510 6.13 11.12 22.80
N MET A 511 6.69 10.28 21.94
N MET A 511 6.66 10.25 21.95
CA MET A 511 7.75 9.35 22.34
CA MET A 511 7.70 9.27 22.32
C MET A 511 8.94 9.43 21.40
C MET A 511 8.92 9.42 21.41
N THR A 512 10.01 8.73 21.77
CA THR A 512 11.25 8.76 20.98
C THR A 512 11.81 7.38 20.67
N LYS A 513 12.39 7.28 19.48
CA LYS A 513 13.23 6.14 19.15
C LYS A 513 12.47 4.84 19.20
N LEU A 514 11.41 4.77 18.39
CA LEU A 514 10.56 3.56 18.30
C LEU A 514 11.45 2.33 18.01
N ARG A 515 11.31 1.27 18.79
CA ARG A 515 11.96 -0.01 18.44
C ARG A 515 13.46 0.13 18.23
N ALA A 516 14.13 0.96 19.04
CA ALA A 516 15.52 1.31 18.75
C ALA A 516 16.46 0.08 18.73
N GLN A 517 16.31 -0.85 19.69
CA GLN A 517 17.20 -2.05 19.74
C GLN A 517 16.91 -3.01 18.59
N GLN A 518 15.63 -3.18 18.30
CA GLN A 518 15.18 -4.06 17.23
C GLN A 518 15.67 -3.63 15.90
N CYS A 519 15.57 -2.33 15.62
CA CYS A 519 15.93 -1.82 14.32
C CYS A 519 17.45 -1.76 14.10
N ARG A 520 18.21 -1.53 15.18
CA ARG A 520 19.67 -1.64 15.07
C ARG A 520 20.00 -3.02 14.51
N PHE A 521 19.38 -4.07 15.08
CA PHE A 521 19.53 -5.42 14.55
C PHE A 521 19.18 -5.62 13.04
N TRP A 522 17.98 -5.21 12.63
CA TRP A 522 17.52 -5.43 11.26
C TRP A 522 18.26 -4.56 10.30
N THR A 523 18.53 -3.34 10.74
CA THR A 523 19.06 -2.32 9.88
C THR A 523 20.58 -2.39 9.72
N SER A 524 21.30 -2.72 10.79
CA SER A 524 22.76 -2.66 10.74
C SER A 524 23.42 -3.99 10.74
N PHE A 525 22.84 -4.99 11.38
CA PHE A 525 23.46 -6.29 11.36
C PHE A 525 22.87 -7.25 10.29
N PHE A 526 21.55 -7.45 10.33
CA PHE A 526 20.94 -8.43 9.44
C PHE A 526 21.25 -8.33 7.89
N PRO A 527 21.34 -7.12 7.32
CA PRO A 527 21.70 -6.99 5.89
C PRO A 527 22.97 -7.76 5.51
N LYS A 528 23.70 -8.24 6.53
CA LYS A 528 24.98 -8.90 6.34
C LYS A 528 24.88 -10.39 6.11
N VAL A 529 23.95 -11.05 6.81
CA VAL A 529 23.88 -12.52 6.84
C VAL A 529 23.71 -13.19 5.45
C1 NAG B . 15.20 -20.12 -10.57
C2 NAG B . 15.65 -20.35 -9.13
C3 NAG B . 15.99 -21.81 -8.80
C4 NAG B . 15.11 -22.85 -9.51
C5 NAG B . 14.64 -22.40 -10.90
C6 NAG B . 13.48 -23.23 -11.41
C7 NAG B . 16.57 -18.46 -7.92
C8 NAG B . 16.68 -17.06 -8.48
N2 NAG B . 16.76 -19.47 -8.78
O3 NAG B . 15.84 -22.04 -7.41
O4 NAG B . 15.87 -24.05 -9.59
O5 NAG B . 14.19 -21.07 -10.87
O6 NAG B . 12.94 -23.99 -10.37
O7 NAG B . 16.30 -18.64 -6.73
C1 NAG B . 15.21 -25.18 -8.97
C2 NAG B . 15.82 -26.52 -9.35
C3 NAG B . 14.87 -27.62 -8.84
C4 NAG B . 14.28 -27.41 -7.43
C5 NAG B . 14.38 -25.97 -6.86
C6 NAG B . 14.95 -26.01 -5.43
C7 NAG B . 16.87 -25.99 -11.56
C8 NAG B . 16.54 -25.99 -13.03
N2 NAG B . 16.02 -26.66 -10.79
O3 NAG B . 15.53 -28.87 -8.80
O4 NAG B . 12.94 -27.89 -7.44
O5 NAG B . 15.20 -25.05 -7.57
O6 NAG B . 16.20 -25.35 -5.41
O7 NAG B . 17.87 -25.37 -11.19
C1 FUL B . 11.51 -23.91 -10.42
C2 FUL B . 10.80 -24.71 -9.34
O2 FUL B . 11.52 -24.80 -8.15
C3 FUL B . 9.55 -23.88 -9.14
O3 FUL B . 8.82 -24.34 -8.01
C4 FUL B . 8.74 -23.79 -10.46
O4 FUL B . 7.80 -24.85 -10.60
C5 FUL B . 9.67 -23.54 -11.69
C6 FUL B . 9.04 -23.74 -13.07
O5 FUL B . 10.89 -24.25 -11.63
C1 NAG C . -4.20 -23.98 17.49
C2 NAG C . -3.64 -25.10 18.37
C3 NAG C . -2.52 -25.84 17.64
C4 NAG C . -2.91 -26.30 16.22
C5 NAG C . -3.60 -25.18 15.44
C6 NAG C . -4.25 -25.73 14.16
C7 NAG C . -3.53 -24.33 20.80
C8 NAG C . -4.93 -24.71 21.17
N2 NAG C . -3.03 -24.60 19.58
O3 NAG C . -2.14 -26.95 18.41
O4 NAG C . -1.79 -26.83 15.52
O5 NAG C . -4.60 -24.51 16.23
O6 NAG C . -5.49 -26.38 14.43
O7 NAG C . -2.84 -23.75 21.65
C1 NAG C . -1.93 -28.24 15.29
C2 NAG C . -0.97 -28.69 14.18
C3 NAG C . -0.91 -30.24 14.00
C4 NAG C . -1.08 -31.04 15.31
C5 NAG C . -0.95 -30.17 16.57
C6 NAG C . 0.53 -29.87 16.91
C7 NAG C . -0.59 -26.86 12.60
C8 NAG C . -0.72 -26.31 11.20
N2 NAG C . -1.27 -27.97 12.95
O3 NAG C . 0.34 -30.60 13.45
O4 NAG C . -2.31 -31.73 15.35
O5 NAG C . -1.79 -28.99 16.52
O6 NAG C . 0.65 -28.82 17.86
O7 NAG C . 0.15 -26.26 13.39
C1 NAG D . -5.85 27.27 -6.76
C2 NAG D . -6.02 28.39 -7.83
C3 NAG D . -4.67 28.62 -8.55
C4 NAG D . -3.51 28.81 -7.56
C5 NAG D . -3.48 27.66 -6.52
C6 NAG D . -2.40 27.82 -5.45
C7 NAG D . -8.44 28.53 -8.67
C8 NAG D . -8.96 29.19 -7.42
N2 NAG D . -7.13 28.16 -8.78
O3 NAG D . -4.71 29.71 -9.45
O4 NAG D . -2.30 28.96 -8.32
O5 NAG D . -4.76 27.57 -5.88
O6 NAG D . -2.26 26.69 -4.59
O7 NAG D . -9.26 28.33 -9.57
C1 NAG E . -26.38 6.59 -18.35
C2 NAG E . -27.24 5.92 -19.42
C3 NAG E . -28.35 6.91 -19.82
C4 NAG E . -29.26 7.19 -18.59
C5 NAG E . -28.47 7.42 -17.28
C6 NAG E . -29.38 7.10 -16.08
C7 NAG E . -26.16 3.97 -20.51
C8 NAG E . -27.20 2.96 -20.07
N2 NAG E . -26.46 5.30 -20.50
O3 NAG E . -29.15 6.41 -20.88
O4 NAG E . -30.12 8.28 -18.82
O5 NAG E . -27.24 6.67 -17.20
O6 NAG E . -30.21 8.20 -15.75
O7 NAG E . -25.07 3.53 -20.89
C1 NAG F . -13.48 19.18 18.44
C2 NAG F . -13.81 18.30 17.22
C3 NAG F . -15.23 18.59 16.65
C4 NAG F . -16.27 19.21 17.61
C5 NAG F . -15.67 19.92 18.86
C6 NAG F . -16.70 20.17 19.98
C7 NAG F . -11.87 17.58 15.76
C8 NAG F . -11.37 17.81 14.38
N2 NAG F . -12.80 18.47 16.18
O3 NAG F . -15.77 17.35 16.20
O4 NAG F . -17.09 20.10 16.87
O5 NAG F . -14.57 19.18 19.36
O6 NAG F . -16.42 19.36 21.11
O7 NAG F . -11.42 16.62 16.40
C1 NAG G . 13.39 -11.50 -32.08
C2 NAG G . 14.45 -10.77 -32.90
C3 NAG G . 13.99 -9.34 -33.22
C4 NAG G . 12.56 -9.26 -33.76
C5 NAG G . 11.60 -10.11 -32.92
C6 NAG G . 10.25 -10.24 -33.62
C7 NAG G . 16.81 -11.41 -32.55
C8 NAG G . 17.83 -10.66 -33.39
N2 NAG G . 15.72 -10.73 -32.18
O3 NAG G . 14.88 -8.74 -34.16
O4 NAG G . 12.12 -7.93 -33.80
O5 NAG G . 12.11 -11.41 -32.71
O6 NAG G . 9.23 -10.30 -32.66
O7 NAG G . 17.02 -12.57 -32.22
S SO4 H . 9.88 21.68 4.88
O1 SO4 H . 9.18 22.53 3.94
O2 SO4 H . 9.66 20.25 4.54
O3 SO4 H . 9.39 21.92 6.25
O4 SO4 H . 11.28 22.06 4.83
S SO4 I . 22.99 -5.51 17.45
O1 SO4 I . 24.04 -5.35 16.43
O2 SO4 I . 23.20 -4.56 18.55
O3 SO4 I . 22.95 -6.89 17.95
O4 SO4 I . 21.70 -5.20 16.86
S SO4 J . 18.02 -25.13 20.66
O1 SO4 J . 17.98 -23.67 20.85
O2 SO4 J . 18.29 -25.48 19.27
O3 SO4 J . 16.73 -25.69 21.10
O4 SO4 J . 19.10 -25.68 21.47
CL CL K . 4.68 -1.69 21.50
CL CL L . -4.92 14.31 22.50
CL CL M . 23.67 -22.54 6.17
C12 EFS N . 3.84 -7.65 1.55
C11 EFS N . 3.33 -6.25 1.30
O2 EFS N . 2.21 -6.11 2.14
P EFS N . 0.98 -5.11 1.99
O4 EFS N . -0.09 -5.78 2.77
O1 EFS N . 0.63 -4.70 0.56
C1 GOL O . 10.74 -11.46 -2.01
O1 GOL O . 9.41 -11.80 -1.72
C2 GOL O . 10.73 -10.77 -3.36
O2 GOL O . 12.07 -10.67 -3.72
C3 GOL O . 10.23 -9.33 -3.29
O3 GOL O . 9.72 -9.05 -4.57
C1 GOL P . -3.96 -5.24 4.04
O1 GOL P . -3.93 -6.49 4.70
C2 GOL P . -4.32 -5.60 2.61
O2 GOL P . -3.32 -6.39 2.02
C3 GOL P . -4.45 -4.33 1.83
O3 GOL P . -3.19 -3.72 1.75
C1 GOL Q . -19.19 4.87 -2.45
O1 GOL Q . -18.91 6.20 -2.03
C2 GOL Q . -20.63 4.58 -2.09
O2 GOL Q . -20.75 4.44 -0.69
C3 GOL Q . -20.98 3.28 -2.77
O3 GOL Q . -21.38 3.59 -4.08
C1 GOL R . -12.59 -4.49 9.99
O1 GOL R . -12.92 -3.33 9.30
C2 GOL R . -13.66 -4.80 11.02
O2 GOL R . -14.98 -4.36 10.71
C3 GOL R . -13.16 -4.23 12.32
O3 GOL R . -13.18 -2.83 12.29
#